data_1X1K
#
_entry.id   1X1K
#
_cell.length_a   26.445
_cell.length_b   26.039
_cell.length_c   80.309
_cell.angle_alpha   90.00
_cell.angle_beta   89.98
_cell.angle_gamma   90.00
#
_symmetry.space_group_name_H-M   'P 1 21 1'
#
loop_
_entity.id
_entity.type
_entity.pdbx_description
1 polymer 'Host-guest peptide (Pro-Pro-Gly)4-(Pro-alloHyp-Gly)-(Pro-Pro-Gly)4'
2 polymer 'Host-guest peptide (Pro-Pro-Gly)4-(Pro-alloHyp-Gly)-(Pro-Pro-Gly)4'
3 water water
#
loop_
_entity_poly.entity_id
_entity_poly.type
_entity_poly.pdbx_seq_one_letter_code
_entity_poly.pdbx_strand_id
1 'polypeptide(L)' PPGPPGPPGPPGP(HYP)GPPGPPGPPGPPG A,B,C,D,E
2 'polypeptide(L)' PPGPPGPPGPPGP(HYP)GP(HYP)GPPGPPGPPGPPG F
#
# COMPACT_ATOMS: atom_id res chain seq x y z
N PRO A 1 -24.34 6.97 -30.81
CA PRO A 1 -23.41 6.18 -30.04
C PRO A 1 -23.31 6.54 -28.55
N PRO A 2 -22.68 5.66 -27.79
CA PRO A 2 -22.35 5.89 -26.38
C PRO A 2 -21.46 7.12 -26.20
N GLY A 3 -21.61 7.76 -25.05
CA GLY A 3 -20.71 8.77 -24.57
C GLY A 3 -19.33 8.22 -24.28
N PRO A 4 -18.38 9.14 -24.21
CA PRO A 4 -17.01 8.76 -23.85
C PRO A 4 -16.92 8.25 -22.42
N PRO A 5 -15.80 7.58 -22.11
CA PRO A 5 -15.54 7.26 -20.70
C PRO A 5 -15.51 8.58 -19.91
N GLY A 6 -15.88 8.42 -18.66
CA GLY A 6 -15.79 9.48 -17.67
C GLY A 6 -14.38 9.93 -17.38
N PRO A 7 -14.29 10.95 -16.52
CA PRO A 7 -13.00 11.46 -16.07
C PRO A 7 -12.34 10.51 -15.09
N PRO A 8 -11.04 10.66 -14.89
CA PRO A 8 -10.36 9.83 -13.91
C PRO A 8 -10.97 10.04 -12.52
N GLY A 9 -10.93 9.00 -11.70
CA GLY A 9 -11.21 9.12 -10.27
C GLY A 9 -10.21 9.99 -9.55
N PRO A 10 -10.50 10.26 -8.27
CA PRO A 10 -9.60 11.07 -7.45
C PRO A 10 -8.40 10.25 -6.97
N PRO A 11 -7.40 10.92 -6.44
CA PRO A 11 -6.25 10.25 -5.86
C PRO A 11 -6.75 9.42 -4.70
N GLY A 12 -5.99 8.31 -4.54
CA GLY A 12 -6.22 7.44 -3.42
C GLY A 12 -5.86 8.10 -2.11
N PRO A 13 -6.10 7.39 -1.02
CA PRO A 13 -5.80 7.87 0.33
C PRO A 13 -4.34 7.78 0.62
N HYP A 14 -3.89 8.44 1.68
CA HYP A 14 -2.49 8.35 2.04
C HYP A 14 -2.09 6.92 2.40
O HYP A 14 -2.87 6.10 2.88
CB HYP A 14 -2.39 9.24 3.31
CG HYP A 14 -3.53 10.17 3.20
CD HYP A 14 -4.63 9.34 2.57
OD1 HYP A 14 -3.89 10.56 4.50
N GLY A 15 -0.83 6.63 2.15
CA GLY A 15 -0.29 5.39 2.61
C GLY A 15 -0.18 5.33 4.10
N PRO A 16 0.27 4.16 4.56
CA PRO A 16 0.47 4.00 5.99
C PRO A 16 1.73 4.67 6.51
N PRO A 17 1.83 4.85 7.83
CA PRO A 17 3.09 5.40 8.34
C PRO A 17 4.25 4.48 8.10
N GLY A 18 5.45 5.09 8.03
CA GLY A 18 6.66 4.29 7.96
C GLY A 18 6.94 3.56 9.27
N PRO A 19 7.96 2.71 9.31
CA PRO A 19 8.31 2.00 10.54
C PRO A 19 9.11 2.86 11.49
N PRO A 20 9.31 2.35 12.70
CA PRO A 20 10.06 3.18 13.67
C PRO A 20 11.48 3.47 13.16
N GLY A 21 11.99 4.62 13.58
CA GLY A 21 13.39 4.92 13.39
C GLY A 21 14.31 3.96 14.07
N PRO A 22 15.62 4.17 13.80
CA PRO A 22 16.63 3.31 14.40
C PRO A 22 16.83 3.70 15.86
N PRO A 23 17.47 2.83 16.62
CA PRO A 23 17.77 3.13 18.01
C PRO A 23 18.70 4.34 18.08
N GLY A 24 18.55 5.05 19.21
CA GLY A 24 19.45 6.19 19.48
C GLY A 24 20.88 5.74 19.71
N PRO A 25 21.78 6.71 19.94
CA PRO A 25 23.15 6.27 20.19
C PRO A 25 23.28 5.78 21.63
N PRO A 26 24.35 5.08 21.94
CA PRO A 26 24.51 4.62 23.34
C PRO A 26 24.68 5.83 24.26
N GLY A 27 24.38 5.65 25.53
CA GLY A 27 24.64 6.68 26.52
C GLY A 27 26.10 6.93 26.80
N PRO B 1 -26.49 6.26 -24.94
CA PRO B 1 -26.30 5.97 -23.50
C PRO B 1 -25.02 6.59 -22.96
N PRO B 2 -24.91 6.81 -21.65
CA PRO B 2 -23.65 7.41 -21.17
C PRO B 2 -22.51 6.42 -21.37
N GLY B 3 -21.31 6.99 -21.31
CA GLY B 3 -20.10 6.20 -21.42
C GLY B 3 -19.85 5.49 -20.11
N PRO B 4 -18.90 4.56 -20.10
CA PRO B 4 -18.58 3.84 -18.87
C PRO B 4 -17.78 4.75 -17.94
N PRO B 5 -17.51 4.27 -16.74
CA PRO B 5 -16.70 5.09 -15.80
C PRO B 5 -15.32 5.32 -16.35
N GLY B 6 -14.76 6.49 -15.92
CA GLY B 6 -13.40 6.73 -16.20
C GLY B 6 -12.48 5.76 -15.49
N PRO B 7 -11.17 5.94 -15.76
CA PRO B 7 -10.17 5.07 -15.17
C PRO B 7 -9.98 5.46 -13.69
N PRO B 8 -9.38 4.59 -12.91
CA PRO B 8 -9.09 4.92 -11.52
C PRO B 8 -8.15 6.10 -11.45
N GLY B 9 -8.32 6.81 -10.30
CA GLY B 9 -7.42 7.92 -10.01
C GLY B 9 -6.00 7.44 -9.74
N PRO B 10 -5.10 8.41 -9.58
CA PRO B 10 -3.69 8.08 -9.27
C PRO B 10 -3.58 7.57 -7.84
N PRO B 11 -2.47 6.92 -7.51
CA PRO B 11 -2.24 6.55 -6.12
C PRO B 11 -2.21 7.77 -5.20
N GLY B 12 -2.53 7.51 -3.92
CA GLY B 12 -2.50 8.58 -2.98
C GLY B 12 -1.09 8.98 -2.58
N PRO B 13 -1.01 9.99 -1.70
CA PRO B 13 0.25 10.52 -1.23
C PRO B 13 0.94 9.54 -0.28
N HYP B 14 2.23 9.70 -0.04
CA HYP B 14 2.89 8.86 0.96
C HYP B 14 2.31 9.07 2.34
O HYP B 14 1.82 10.12 2.72
CB HYP B 14 4.32 9.34 0.92
CG HYP B 14 4.49 9.94 -0.44
CD HYP B 14 3.17 10.65 -0.68
OD1 HYP B 14 5.55 10.86 -0.40
N GLY B 15 2.43 8.00 3.18
CA GLY B 15 2.10 8.10 4.58
C GLY B 15 3.10 8.96 5.33
N PRO B 16 2.88 9.22 6.60
CA PRO B 16 3.78 10.04 7.42
C PRO B 16 4.99 9.25 7.85
N PRO B 17 6.03 9.93 8.35
CA PRO B 17 7.10 9.19 9.01
C PRO B 17 6.62 8.32 10.16
N GLY B 18 7.39 7.25 10.37
CA GLY B 18 7.17 6.40 11.50
C GLY B 18 7.50 7.05 12.82
N PRO B 19 7.24 6.33 13.89
CA PRO B 19 7.60 6.86 15.22
C PRO B 19 9.10 6.85 15.47
N PRO B 20 9.52 7.57 16.49
CA PRO B 20 10.94 7.49 16.87
C PRO B 20 11.35 6.07 17.23
N GLY B 21 12.62 5.77 16.98
CA GLY B 21 13.20 4.52 17.46
C GLY B 21 13.36 4.51 18.99
N PRO B 22 13.78 3.35 19.45
CA PRO B 22 14.02 3.10 20.88
C PRO B 22 15.26 3.87 21.29
N PRO B 23 15.40 4.02 22.61
CA PRO B 23 16.64 4.51 23.16
C PRO B 23 17.83 3.63 22.73
N GLY B 24 19.01 4.21 22.64
CA GLY B 24 20.24 3.48 22.41
C GLY B 24 20.64 2.72 23.66
N PRO B 25 21.70 1.94 23.56
CA PRO B 25 22.11 1.20 24.77
C PRO B 25 22.67 2.13 25.84
N PRO B 26 22.57 1.65 27.09
CA PRO B 26 23.16 2.41 28.17
C PRO B 26 24.67 2.53 27.94
N GLY B 27 25.21 3.65 28.40
CA GLY B 27 26.61 3.96 28.58
C GLY B 27 27.00 3.39 29.97
N PRO C 1 -27.76 13.49 -30.19
CA PRO C 1 -26.79 13.00 -29.22
C PRO C 1 -26.13 11.65 -29.44
N PRO C 2 -24.82 11.50 -29.50
CA PRO C 2 -24.04 10.60 -28.67
C PRO C 2 -24.44 10.88 -27.21
N GLY C 3 -24.25 9.92 -26.32
CA GLY C 3 -24.54 10.19 -24.93
C GLY C 3 -23.48 11.03 -24.25
N PRO C 4 -23.72 11.32 -22.98
CA PRO C 4 -22.79 12.15 -22.19
C PRO C 4 -21.57 11.36 -21.74
N PRO C 5 -20.50 11.97 -21.26
CA PRO C 5 -19.44 11.19 -20.62
C PRO C 5 -19.94 10.39 -19.42
N GLY C 6 -19.28 9.24 -19.22
CA GLY C 6 -19.58 8.40 -18.07
C GLY C 6 -19.14 9.06 -16.78
N PRO C 7 -19.39 8.37 -15.67
CA PRO C 7 -19.08 8.95 -14.39
C PRO C 7 -17.59 8.91 -14.12
N PRO C 8 -17.17 9.59 -13.07
CA PRO C 8 -15.77 9.47 -12.70
C PRO C 8 -15.40 8.02 -12.34
N GLY C 9 -14.15 7.68 -12.58
CA GLY C 9 -13.62 6.36 -12.15
C GLY C 9 -13.48 6.33 -10.63
N PRO C 10 -13.11 5.16 -10.14
CA PRO C 10 -12.92 4.93 -8.71
C PRO C 10 -11.67 5.70 -8.22
N PRO C 11 -11.54 5.93 -6.92
CA PRO C 11 -10.29 6.48 -6.40
C PRO C 11 -9.14 5.56 -6.71
N GLY C 12 -7.94 6.15 -6.75
CA GLY C 12 -6.75 5.33 -6.90
C GLY C 12 -6.47 4.58 -5.58
N PRO C 13 -5.47 3.74 -5.63
CA PRO C 13 -5.10 2.99 -4.43
C PRO C 13 -4.33 3.84 -3.46
N HYP C 14 -4.15 3.34 -2.24
CA HYP C 14 -3.39 4.07 -1.23
C HYP C 14 -1.99 4.38 -1.71
O HYP C 14 -1.39 3.59 -2.46
CB HYP C 14 -3.27 3.08 -0.04
CG HYP C 14 -4.51 2.24 -0.23
CD HYP C 14 -4.66 2.04 -1.72
OD1 HYP C 14 -4.09 0.99 0.28
N GLY C 15 -1.42 5.47 -1.24
CA GLY C 15 -0.01 5.82 -1.44
C GLY C 15 0.94 4.85 -0.76
N PRO C 16 2.23 5.06 -1.04
CA PRO C 16 3.25 4.20 -0.43
C PRO C 16 3.39 4.51 1.03
N PRO C 17 4.06 3.64 1.81
CA PRO C 17 4.38 3.96 3.21
C PRO C 17 5.25 5.19 3.29
N GLY C 18 5.12 5.90 4.43
CA GLY C 18 6.01 6.95 4.82
C GLY C 18 7.43 6.44 5.10
N PRO C 19 8.34 7.40 5.29
CA PRO C 19 9.71 7.05 5.66
C PRO C 19 9.84 6.53 7.09
N PRO C 20 10.96 5.86 7.40
CA PRO C 20 11.21 5.51 8.81
C PRO C 20 11.21 6.77 9.65
N GLY C 21 10.88 6.59 10.92
CA GLY C 21 10.90 7.61 11.92
C GLY C 21 12.30 8.10 12.25
N PRO C 22 12.32 9.11 13.12
CA PRO C 22 13.60 9.65 13.56
C PRO C 22 14.28 8.68 14.51
N PRO C 23 15.58 8.88 14.66
CA PRO C 23 16.33 8.05 15.60
C PRO C 23 15.80 8.24 17.00
N GLY C 24 15.93 7.19 17.79
CA GLY C 24 15.66 7.28 19.23
C GLY C 24 16.67 8.15 19.98
N PRO C 25 16.38 8.35 21.27
CA PRO C 25 17.28 9.17 22.10
C PRO C 25 18.46 8.38 22.59
N PRO C 26 19.46 9.03 23.14
CA PRO C 26 20.60 8.29 23.72
C PRO C 26 20.11 7.43 24.88
N GLY C 27 20.80 6.34 25.12
CA GLY C 27 20.73 5.43 26.21
C GLY C 27 21.15 6.08 27.53
N PRO D 1 -24.58 -1.50 -28.97
CA PRO D 1 -23.87 -0.84 -27.85
C PRO D 1 -23.05 -1.82 -27.00
N PRO D 2 -21.87 -1.45 -26.47
CA PRO D 2 -21.04 -2.36 -25.67
C PRO D 2 -21.73 -2.73 -24.38
N GLY D 3 -21.35 -3.86 -23.83
CA GLY D 3 -21.89 -4.23 -22.53
C GLY D 3 -21.32 -3.35 -21.43
N PRO D 4 -21.73 -3.60 -20.21
CA PRO D 4 -21.19 -2.84 -19.08
C PRO D 4 -19.77 -3.35 -18.83
N PRO D 5 -18.98 -2.55 -18.09
CA PRO D 5 -17.62 -2.95 -17.73
C PRO D 5 -17.68 -4.21 -16.90
N GLY D 6 -16.59 -4.99 -16.95
CA GLY D 6 -16.50 -6.14 -16.07
C GLY D 6 -16.31 -5.73 -14.62
N PRO D 7 -16.29 -6.67 -13.74
CA PRO D 7 -16.06 -6.44 -12.32
C PRO D 7 -14.58 -6.07 -12.05
N PRO D 8 -14.33 -5.45 -10.90
CA PRO D 8 -12.91 -5.21 -10.51
C PRO D 8 -12.17 -6.53 -10.47
N GLY D 9 -10.87 -6.42 -10.69
CA GLY D 9 -9.99 -7.54 -10.59
C GLY D 9 -9.81 -8.07 -9.18
N PRO D 10 -9.03 -9.13 -9.04
CA PRO D 10 -8.77 -9.77 -7.76
C PRO D 10 -7.77 -8.93 -7.02
N PRO D 11 -7.67 -9.18 -5.71
CA PRO D 11 -6.68 -8.43 -4.93
C PRO D 11 -5.26 -8.73 -5.40
N GLY D 12 -4.36 -7.77 -5.15
CA GLY D 12 -2.94 -7.95 -5.39
C GLY D 12 -2.33 -8.92 -4.37
N PRO D 13 -1.06 -9.26 -4.57
CA PRO D 13 -0.41 -10.20 -3.63
C PRO D 13 -0.02 -9.50 -2.35
N HYP D 14 0.35 -10.27 -1.34
CA HYP D 14 0.88 -9.66 -0.14
C HYP D 14 2.13 -8.86 -0.44
O HYP D 14 2.89 -9.16 -1.35
CB HYP D 14 1.24 -10.85 0.76
CG HYP D 14 0.29 -11.89 0.26
CD HYP D 14 0.31 -11.74 -1.25
OD1 HYP D 14 0.93 -13.08 0.55
N GLY D 15 2.29 -7.85 0.40
CA GLY D 15 3.51 -7.06 0.35
C GLY D 15 4.71 -7.85 0.77
N PRO D 16 5.85 -7.20 0.71
CA PRO D 16 7.11 -7.82 1.11
C PRO D 16 7.28 -7.86 2.61
N PRO D 17 8.24 -8.61 3.09
CA PRO D 17 8.47 -8.64 4.55
C PRO D 17 8.84 -7.29 5.12
N GLY D 18 8.49 -7.12 6.40
CA GLY D 18 8.98 -5.93 7.10
C GLY D 18 10.46 -5.99 7.38
N PRO D 19 10.95 -4.89 7.93
CA PRO D 19 12.36 -4.80 8.28
C PRO D 19 12.67 -5.60 9.50
N PRO D 20 13.95 -5.88 9.74
CA PRO D 20 14.35 -6.52 10.98
C PRO D 20 13.98 -5.66 12.18
N GLY D 21 13.76 -6.34 13.32
CA GLY D 21 13.60 -5.57 14.56
C GLY D 21 14.98 -4.96 15.00
N PRO D 22 14.97 -4.17 16.03
CA PRO D 22 16.21 -3.51 16.52
C PRO D 22 16.99 -4.50 17.34
N PRO D 23 18.24 -4.15 17.69
CA PRO D 23 19.05 -5.05 18.47
C PRO D 23 18.44 -5.38 19.82
N GLY D 24 18.75 -6.59 20.29
CA GLY D 24 18.36 -7.00 21.62
C GLY D 24 19.06 -6.16 22.67
N PRO D 25 18.74 -6.42 23.92
CA PRO D 25 19.29 -5.69 25.06
C PRO D 25 20.72 -6.08 25.34
N PRO D 26 21.51 -5.26 26.05
CA PRO D 26 22.83 -5.76 26.43
C PRO D 26 22.82 -7.02 27.28
N GLY D 27 23.94 -7.70 27.11
CA GLY D 27 24.38 -8.66 28.09
C GLY D 27 24.65 -7.87 29.37
N PRO E 1 -21.31 -5.88 -28.54
CA PRO E 1 -20.01 -6.42 -28.16
C PRO E 1 -19.73 -6.28 -26.67
N PRO E 2 -18.73 -7.02 -26.20
CA PRO E 2 -18.49 -7.03 -24.75
C PRO E 2 -18.06 -5.68 -24.22
N GLY E 3 -18.37 -5.41 -22.94
CA GLY E 3 -17.98 -4.13 -22.38
C GLY E 3 -16.50 -4.19 -22.08
N PRO E 4 -15.92 -3.08 -21.60
CA PRO E 4 -14.50 -3.08 -21.33
C PRO E 4 -14.17 -3.85 -20.05
N PRO E 5 -12.89 -4.14 -19.84
CA PRO E 5 -12.51 -4.81 -18.59
C PRO E 5 -12.81 -3.91 -17.40
N GLY E 6 -13.01 -4.54 -16.22
CA GLY E 6 -13.18 -3.81 -15.01
C GLY E 6 -11.86 -3.14 -14.60
N PRO E 7 -11.91 -2.32 -13.55
CA PRO E 7 -10.69 -1.72 -13.03
C PRO E 7 -9.87 -2.69 -12.22
N PRO E 8 -8.67 -2.30 -11.86
CA PRO E 8 -7.84 -3.21 -11.07
C PRO E 8 -8.47 -3.50 -9.73
N GLY E 9 -8.14 -4.69 -9.21
CA GLY E 9 -8.54 -5.08 -7.88
C GLY E 9 -7.85 -4.22 -6.84
N PRO E 10 -8.26 -4.48 -5.57
CA PRO E 10 -7.72 -3.72 -4.44
C PRO E 10 -6.29 -4.15 -4.18
N PRO E 11 -5.54 -3.38 -3.40
CA PRO E 11 -4.21 -3.82 -2.98
C PRO E 11 -4.27 -5.11 -2.17
N GLY E 12 -3.19 -5.87 -2.32
CA GLY E 12 -3.00 -7.06 -1.49
C GLY E 12 -2.83 -6.68 -0.02
N PRO E 13 -2.79 -7.73 0.84
CA PRO E 13 -2.57 -7.51 2.28
C PRO E 13 -1.17 -7.07 2.58
N HYP E 14 -0.91 -6.58 3.79
CA HYP E 14 0.46 -6.33 4.19
C HYP E 14 1.26 -7.63 4.16
O HYP E 14 0.72 -8.74 4.33
CB HYP E 14 0.34 -5.83 5.63
CG HYP E 14 -1.07 -5.32 5.70
CD HYP E 14 -1.91 -6.19 4.81
OD1 HYP E 14 -1.43 -5.47 7.04
N GLY E 15 2.55 -7.45 3.98
CA GLY E 15 3.51 -8.57 4.01
C GLY E 15 3.71 -9.09 5.41
N PRO E 16 4.51 -10.15 5.46
CA PRO E 16 4.82 -10.78 6.75
C PRO E 16 5.72 -9.90 7.61
N PRO E 17 5.79 -10.21 8.91
CA PRO E 17 6.73 -9.46 9.78
C PRO E 17 8.18 -9.78 9.36
N GLY E 18 9.04 -8.76 9.59
CA GLY E 18 10.46 -8.92 9.43
C GLY E 18 11.03 -9.89 10.46
N PRO E 19 12.30 -10.20 10.29
CA PRO E 19 12.98 -11.12 11.23
C PRO E 19 13.37 -10.41 12.52
N PRO E 20 13.75 -11.19 13.54
CA PRO E 20 14.31 -10.57 14.75
C PRO E 20 15.57 -9.77 14.44
N GLY E 21 15.74 -8.73 15.26
CA GLY E 21 16.95 -7.93 15.21
C GLY E 21 18.16 -8.71 15.66
N PRO E 22 19.32 -8.06 15.53
CA PRO E 22 20.57 -8.67 15.94
C PRO E 22 20.63 -8.77 17.45
N PRO E 23 21.54 -9.61 17.94
CA PRO E 23 21.88 -9.58 19.35
C PRO E 23 22.36 -8.22 19.83
N GLY E 24 22.02 -8.02 21.10
CA GLY E 24 22.58 -6.84 21.76
C GLY E 24 24.08 -7.13 21.98
N PRO E 25 24.78 -6.13 22.51
CA PRO E 25 26.16 -6.28 22.99
C PRO E 25 26.23 -7.04 24.33
N PRO E 26 27.43 -7.44 24.74
CA PRO E 26 27.81 -8.04 26.02
C PRO E 26 27.28 -7.33 27.25
N PRO F 1 -30.71 -5.32 -26.66
CA PRO F 1 -29.60 -5.84 -25.87
C PRO F 1 -28.25 -5.20 -26.16
N PRO F 2 -27.76 -4.42 -25.20
CA PRO F 2 -26.32 -4.16 -25.17
C PRO F 2 -25.61 -5.52 -25.03
N GLY F 3 -24.30 -5.51 -25.20
CA GLY F 3 -23.50 -6.70 -25.15
C GLY F 3 -23.30 -7.33 -23.80
N PRO F 4 -22.45 -8.36 -23.80
CA PRO F 4 -22.13 -9.03 -22.54
C PRO F 4 -21.20 -8.14 -21.69
N PRO F 5 -21.12 -8.36 -20.39
CA PRO F 5 -20.14 -7.63 -19.56
C PRO F 5 -18.72 -7.95 -20.04
N GLY F 6 -17.89 -6.93 -19.85
CA GLY F 6 -16.46 -7.14 -20.04
C GLY F 6 -15.87 -8.07 -19.01
N PRO F 7 -14.59 -8.40 -19.19
CA PRO F 7 -13.94 -9.31 -18.26
C PRO F 7 -13.52 -8.64 -16.95
N PRO F 8 -13.18 -9.42 -15.95
CA PRO F 8 -12.67 -8.81 -14.70
C PRO F 8 -11.39 -8.05 -15.00
N GLY F 9 -11.23 -7.00 -14.21
CA GLY F 9 -10.01 -6.21 -14.27
C GLY F 9 -8.77 -6.95 -13.82
N PRO F 10 -7.63 -6.32 -13.99
CA PRO F 10 -6.34 -6.92 -13.58
C PRO F 10 -6.22 -6.98 -12.08
N PRO F 11 -5.31 -7.78 -11.54
CA PRO F 11 -5.02 -7.78 -10.10
C PRO F 11 -4.61 -6.37 -9.67
N GLY F 12 -4.94 -6.13 -8.41
CA GLY F 12 -4.46 -4.93 -7.72
C GLY F 12 -2.96 -4.99 -7.47
N PRO F 13 -2.47 -3.91 -6.89
CA PRO F 13 -1.03 -3.82 -6.59
C PRO F 13 -0.71 -4.63 -5.37
N HYP F 14 0.54 -4.96 -5.14
CA HYP F 14 0.90 -5.63 -3.88
C HYP F 14 0.54 -4.74 -2.71
O HYP F 14 0.48 -3.53 -2.71
CB HYP F 14 2.42 -5.83 -3.94
CG HYP F 14 2.70 -5.78 -5.42
CD HYP F 14 1.73 -4.77 -5.96
OD1 HYP F 14 4.01 -5.43 -5.68
N GLY F 15 0.32 -5.42 -1.59
CA GLY F 15 0.19 -4.74 -0.31
C GLY F 15 1.49 -4.10 0.14
N PRO F 16 1.44 -3.28 1.21
CA PRO F 16 2.66 -2.65 1.73
C PRO F 16 3.48 -3.65 2.56
N HYP F 17 4.69 -3.23 2.92
CA HYP F 17 5.59 -4.14 3.69
C HYP F 17 4.93 -4.47 5.02
O HYP F 17 4.12 -3.76 5.61
CB HYP F 17 6.89 -3.34 3.89
CG HYP F 17 6.82 -2.30 2.84
CD HYP F 17 5.37 -1.95 2.69
OD1 HYP F 17 7.54 -1.16 3.06
N GLY F 18 5.26 -5.67 5.49
CA GLY F 18 4.91 -6.05 6.85
C GLY F 18 5.53 -5.23 7.93
N PRO F 19 5.11 -5.50 9.17
CA PRO F 19 5.68 -4.76 10.28
C PRO F 19 7.10 -5.23 10.60
N PRO F 20 7.82 -4.43 11.38
CA PRO F 20 9.17 -4.84 11.79
C PRO F 20 9.11 -6.12 12.58
N GLY F 21 10.20 -6.89 12.53
CA GLY F 21 10.41 -8.05 13.39
C GLY F 21 10.59 -7.63 14.85
N PRO F 22 10.63 -8.63 15.73
CA PRO F 22 10.81 -8.37 17.14
C PRO F 22 12.27 -7.99 17.43
N PRO F 23 12.53 -7.38 18.59
CA PRO F 23 13.92 -7.14 18.98
C PRO F 23 14.67 -8.47 18.99
N GLY F 24 15.96 -8.37 18.79
CA GLY F 24 16.83 -9.49 18.86
C GLY F 24 17.06 -9.98 20.26
N PRO F 25 17.85 -11.05 20.31
CA PRO F 25 18.10 -11.74 21.58
C PRO F 25 19.07 -10.88 22.40
N PRO F 26 19.09 -11.09 23.71
CA PRO F 26 20.02 -10.40 24.59
C PRO F 26 21.47 -10.68 24.23
N GLY F 27 22.37 -9.74 24.46
CA GLY F 27 23.80 -9.98 24.31
C GLY F 27 24.38 -10.88 25.39
N PRO F 28 25.66 -11.25 25.33
CA PRO F 28 26.22 -12.14 26.35
C PRO F 28 26.66 -11.49 27.65
N PRO F 29 26.81 -12.28 28.71
CA PRO F 29 27.30 -11.77 29.99
C PRO F 29 28.60 -10.98 29.80
#